data_1SD4
#
_entry.id   1SD4
#
_cell.length_a   64.412
_cell.length_b   116.362
_cell.length_c   40.170
_cell.angle_alpha   90.00
_cell.angle_beta   90.00
_cell.angle_gamma   90.00
#
_symmetry.space_group_name_H-M   'P 21 21 2'
#
loop_
_entity.id
_entity.type
_entity.pdbx_description
1 polymer 'PENICILLINASE REPRESSOR'
2 non-polymer 'SULFATE ION'
3 water water
#
_entity_poly.entity_id   1
_entity_poly.type   'polypeptide(L)'
_entity_poly.pdbx_seq_one_letter_code
;(MSE)TNKQVEIS(MSE)AEWDV(MSE)NIIWDKKSVSANEIVVEIQKYKEVSDKTIRTLITRLYKKEIIKRYKSENIYF
YSSNIKEDDIK(MSE)KTAKTFLNKLYGGD(MSE)KSLVLNFAKNEELNNKEIEELRDILNDISKK
;
_entity_poly.pdbx_strand_id   A,B
#
loop_
_chem_comp.id
_chem_comp.type
_chem_comp.name
_chem_comp.formula
SO4 non-polymer 'SULFATE ION' 'O4 S -2'
#
# COMPACT_ATOMS: atom_id res chain seq x y z
N GLN A 5 -2.23 16.50 1.70
CA GLN A 5 -1.20 16.45 0.62
C GLN A 5 -0.02 15.55 1.02
N VAL A 6 0.83 15.23 0.06
CA VAL A 6 2.00 14.34 0.23
C VAL A 6 1.58 12.87 0.37
N GLU A 7 1.91 12.11 -0.67
CA GLU A 7 1.65 10.68 -0.73
C GLU A 7 2.91 10.02 -1.27
N ILE A 8 3.21 8.82 -0.76
CA ILE A 8 4.36 8.09 -1.28
C ILE A 8 3.87 6.76 -1.85
N SER A 9 4.19 6.50 -3.11
CA SER A 9 3.74 5.30 -3.78
C SER A 9 4.53 4.11 -3.25
N MSE A 10 4.02 2.90 -3.49
CA MSE A 10 4.75 1.71 -3.06
C MSE A 10 6.15 1.62 -3.70
O MSE A 10 7.14 1.19 -3.05
CB MSE A 10 3.91 0.47 -3.33
CG MSE A 10 3.90 -0.51 -2.18
SE MSE A 10 3.33 0.12 -0.44
CE MSE A 10 3.62 2.07 -0.35
N ALA A 11 6.26 2.05 -4.96
CA ALA A 11 7.53 2.04 -5.66
C ALA A 11 8.47 3.05 -5.04
N GLU A 12 7.93 4.20 -4.65
CA GLU A 12 8.76 5.21 -3.98
C GLU A 12 9.21 4.74 -2.60
N TRP A 13 8.42 3.89 -1.99
CA TRP A 13 8.72 3.40 -0.65
C TRP A 13 10.04 2.65 -0.59
N ASP A 14 10.39 1.96 -1.69
CA ASP A 14 11.68 1.27 -1.76
C ASP A 14 12.83 2.27 -1.60
N VAL A 15 12.71 3.43 -2.24
CA VAL A 15 13.74 4.48 -2.10
C VAL A 15 13.72 5.02 -0.66
N MSE A 16 12.54 5.27 -0.12
CA MSE A 16 12.42 5.83 1.23
C MSE A 16 13.01 4.88 2.29
O MSE A 16 13.66 5.33 3.22
CB MSE A 16 10.97 6.21 1.56
CG MSE A 16 10.42 7.36 0.68
SE MSE A 16 11.59 8.93 0.59
CE MSE A 16 11.69 9.37 2.54
N ASN A 17 12.77 3.58 2.14
CA ASN A 17 13.35 2.64 3.10
C ASN A 17 14.87 2.72 3.17
N ILE A 18 15.53 2.97 2.04
CA ILE A 18 16.98 3.17 2.00
C ILE A 18 17.37 4.46 2.68
N ILE A 19 16.64 5.52 2.35
CA ILE A 19 16.99 6.85 2.83
C ILE A 19 16.83 6.91 4.32
N TRP A 20 15.67 6.44 4.82
CA TRP A 20 15.39 6.48 6.25
C TRP A 20 16.42 5.66 7.09
N ASP A 21 17.05 4.68 6.46
CA ASP A 21 18.10 3.89 7.07
C ASP A 21 19.45 4.62 7.22
N LYS A 22 19.69 5.66 6.42
CA LYS A 22 20.98 6.34 6.39
C LYS A 22 20.91 7.83 6.70
N LYS A 23 22.01 8.41 7.17
CA LYS A 23 22.04 9.84 7.41
C LYS A 23 21.87 10.59 6.07
N SER A 24 22.62 10.14 5.08
CA SER A 24 22.52 10.68 3.74
C SER A 24 23.10 9.60 2.87
N VAL A 25 22.61 9.54 1.63
CA VAL A 25 22.99 8.45 0.72
C VAL A 25 22.95 8.94 -0.74
N SER A 26 23.89 8.51 -1.55
CA SER A 26 23.87 8.88 -2.97
C SER A 26 22.83 8.07 -3.77
N ALA A 27 22.42 8.62 -4.91
CA ALA A 27 21.52 7.95 -5.83
C ALA A 27 22.11 6.60 -6.28
N ASN A 28 23.43 6.51 -6.46
CA ASN A 28 24.01 5.22 -6.86
C ASN A 28 23.85 4.15 -5.80
N GLU A 29 24.08 4.54 -4.54
CA GLU A 29 23.90 3.61 -3.44
C GLU A 29 22.45 3.15 -3.28
N ILE A 30 21.52 4.09 -3.47
CA ILE A 30 20.08 3.76 -3.45
C ILE A 30 19.79 2.70 -4.49
N VAL A 31 20.23 2.98 -5.72
CA VAL A 31 20.09 2.07 -6.86
C VAL A 31 20.68 0.67 -6.54
N VAL A 32 21.89 0.63 -6.01
CA VAL A 32 22.51 -0.65 -5.63
C VAL A 32 21.62 -1.43 -4.68
N GLU A 33 21.26 -0.82 -3.56
CA GLU A 33 20.44 -1.46 -2.52
C GLU A 33 19.11 -2.04 -2.99
N ILE A 34 18.32 -1.24 -3.68
CA ILE A 34 17.03 -1.71 -4.17
C ILE A 34 17.27 -3.00 -4.99
N GLN A 35 18.41 -3.06 -5.65
CA GLN A 35 18.74 -4.21 -6.51
C GLN A 35 19.29 -5.44 -5.77
N LYS A 36 19.74 -5.22 -4.54
CA LYS A 36 20.29 -6.25 -3.67
C LYS A 36 19.17 -7.09 -3.02
N TYR A 37 17.93 -6.70 -3.26
CA TYR A 37 16.84 -7.33 -2.57
C TYR A 37 15.58 -7.34 -3.44
N LYS A 38 15.69 -6.81 -4.65
CA LYS A 38 14.54 -6.74 -5.57
C LYS A 38 14.94 -6.42 -7.01
N GLU A 39 13.93 -6.35 -7.89
CA GLU A 39 14.07 -6.05 -9.31
C GLU A 39 14.48 -4.59 -9.49
N VAL A 40 13.69 -3.83 -10.24
CA VAL A 40 13.83 -2.38 -10.39
C VAL A 40 15.17 -1.92 -10.99
N SER A 41 15.08 -1.36 -12.20
CA SER A 41 16.23 -0.88 -12.97
C SER A 41 16.73 0.51 -12.51
N ASP A 42 17.92 0.90 -12.98
CA ASP A 42 18.53 2.21 -12.67
C ASP A 42 17.58 3.37 -13.07
N LYS A 43 17.04 3.29 -14.28
CA LYS A 43 16.20 4.37 -14.83
C LYS A 43 14.99 4.63 -13.94
N THR A 44 14.26 3.58 -13.58
CA THR A 44 13.06 3.77 -12.77
C THR A 44 13.41 4.27 -11.35
N ILE A 45 14.50 3.78 -10.77
CA ILE A 45 14.94 4.25 -9.47
C ILE A 45 15.22 5.76 -9.51
N ARG A 46 15.94 6.21 -10.56
CA ARG A 46 16.33 7.59 -10.67
C ARG A 46 15.11 8.47 -10.80
N THR A 47 14.13 7.97 -11.53
CA THR A 47 12.88 8.65 -11.73
C THR A 47 12.12 8.79 -10.43
N LEU A 48 12.17 7.74 -9.61
CA LEU A 48 11.59 7.78 -8.30
C LEU A 48 12.27 8.82 -7.41
N ILE A 49 13.59 8.83 -7.45
CA ILE A 49 14.36 9.76 -6.63
C ILE A 49 14.03 11.20 -7.01
N THR A 50 14.07 11.50 -8.32
CA THR A 50 13.74 12.84 -8.80
C THR A 50 12.35 13.30 -8.38
N ARG A 51 11.36 12.41 -8.53
CA ARG A 51 9.98 12.76 -8.16
C ARG A 51 9.94 13.12 -6.66
N LEU A 52 10.53 12.26 -5.83
CA LEU A 52 10.55 12.47 -4.40
C LEU A 52 11.25 13.76 -4.03
N TYR A 53 12.36 14.04 -4.71
CA TYR A 53 13.12 15.27 -4.52
C TYR A 53 12.29 16.51 -4.93
N LYS A 54 11.65 16.42 -6.08
CA LYS A 54 10.80 17.52 -6.57
C LYS A 54 9.64 17.82 -5.62
N LYS A 55 9.13 16.77 -4.99
CA LYS A 55 8.06 16.95 -4.02
C LYS A 55 8.59 17.37 -2.63
N GLU A 56 9.92 17.49 -2.50
CA GLU A 56 10.56 17.85 -1.21
C GLU A 56 10.34 16.81 -0.11
N ILE A 57 10.10 15.55 -0.49
CA ILE A 57 9.91 14.48 0.48
C ILE A 57 11.28 14.05 0.92
N ILE A 58 12.24 14.21 0.03
CA ILE A 58 13.62 14.04 0.44
C ILE A 58 14.35 15.36 0.09
N LYS A 59 15.54 15.52 0.64
CA LYS A 59 16.34 16.70 0.40
C LYS A 59 17.71 16.22 0.04
N ARG A 60 18.58 17.12 -0.45
CA ARG A 60 19.95 16.71 -0.81
C ARG A 60 20.96 17.85 -0.68
N TYR A 61 22.22 17.48 -0.47
CA TYR A 61 23.30 18.46 -0.51
C TYR A 61 24.31 17.91 -1.49
N LYS A 62 25.26 18.73 -1.93
CA LYS A 62 26.23 18.28 -2.90
C LYS A 62 27.59 18.38 -2.24
N SER A 63 28.33 17.26 -2.22
CA SER A 63 29.65 17.25 -1.63
C SER A 63 30.61 16.64 -2.65
N GLU A 64 31.72 17.33 -2.88
CA GLU A 64 32.69 16.98 -3.93
C GLU A 64 31.99 16.56 -5.21
N ASN A 65 31.00 17.36 -5.58
CA ASN A 65 30.21 17.20 -6.79
C ASN A 65 29.23 16.02 -6.82
N ILE A 66 29.05 15.36 -5.68
CA ILE A 66 28.05 14.29 -5.56
C ILE A 66 26.87 14.74 -4.75
N TYR A 67 25.64 14.42 -5.19
CA TYR A 67 24.43 14.59 -4.37
C TYR A 67 24.19 13.46 -3.38
N PHE A 68 23.94 13.85 -2.15
CA PHE A 68 23.60 12.94 -1.09
C PHE A 68 22.24 13.34 -0.56
N TYR A 69 21.34 12.35 -0.54
CA TYR A 69 19.93 12.52 -0.19
C TYR A 69 19.65 12.13 1.27
N SER A 70 18.70 12.83 1.86
CA SER A 70 18.26 12.57 3.22
C SER A 70 16.77 12.71 3.25
N SER A 71 16.14 12.09 4.25
CA SER A 71 14.69 12.19 4.43
C SER A 71 14.30 13.63 4.75
N ASN A 72 13.16 14.06 4.26
CA ASN A 72 12.63 15.36 4.66
C ASN A 72 11.20 15.21 5.13
N ILE A 73 10.89 14.00 5.63
CA ILE A 73 9.53 13.69 6.09
C ILE A 73 9.61 12.76 7.29
N LYS A 74 8.71 12.89 8.28
CA LYS A 74 8.74 11.96 9.42
C LYS A 74 8.17 10.61 9.01
N GLU A 75 9.03 9.59 9.04
CA GLU A 75 8.65 8.26 8.64
C GLU A 75 7.39 7.77 9.33
N ASP A 76 7.31 7.95 10.65
CA ASP A 76 6.17 7.42 11.40
C ASP A 76 4.84 7.99 10.94
N ASP A 77 4.85 9.27 10.63
CA ASP A 77 3.63 9.97 10.23
C ASP A 77 3.11 9.57 8.85
N ILE A 78 4.00 9.46 7.86
CA ILE A 78 3.54 9.18 6.51
C ILE A 78 3.18 7.69 6.44
N LYS A 79 3.85 6.89 7.26
CA LYS A 79 3.51 5.48 7.33
C LYS A 79 2.09 5.27 7.82
N MSE A 80 1.75 5.91 8.93
CA MSE A 80 0.42 5.80 9.53
C MSE A 80 -0.62 6.30 8.52
O MSE A 80 -1.63 5.65 8.29
CB MSE A 80 0.34 6.61 10.82
CG MSE A 80 -0.88 6.35 11.64
SE MSE A 80 -1.06 4.48 12.17
CE MSE A 80 -2.61 4.09 11.18
N LYS A 81 -0.37 7.45 7.91
CA LYS A 81 -1.31 8.01 6.94
C LYS A 81 -1.55 7.02 5.77
N THR A 82 -0.47 6.45 5.27
CA THR A 82 -0.51 5.54 4.16
C THR A 82 -1.21 4.24 4.52
N ALA A 83 -0.88 3.69 5.70
CA ALA A 83 -1.49 2.47 6.17
C ALA A 83 -2.95 2.68 6.41
N LYS A 84 -3.32 3.85 6.92
CA LYS A 84 -4.71 4.10 7.22
C LYS A 84 -5.55 4.10 5.95
N THR A 85 -5.02 4.73 4.91
CA THR A 85 -5.68 4.76 3.60
C THR A 85 -5.79 3.35 3.03
N PHE A 86 -4.75 2.57 3.21
CA PHE A 86 -4.73 1.17 2.77
C PHE A 86 -5.84 0.33 3.42
N LEU A 87 -5.88 0.36 4.75
CA LEU A 87 -6.87 -0.38 5.54
C LEU A 87 -8.28 0.03 5.17
N ASN A 88 -8.50 1.32 5.04
CA ASN A 88 -9.81 1.84 4.66
C ASN A 88 -10.29 1.31 3.30
N LYS A 89 -9.39 1.31 2.32
CA LYS A 89 -9.79 0.94 0.97
C LYS A 89 -9.93 -0.55 0.76
N LEU A 90 -9.01 -1.32 1.32
CA LEU A 90 -9.00 -2.76 1.05
C LEU A 90 -9.74 -3.57 2.09
N TYR A 91 -9.85 -3.06 3.31
CA TYR A 91 -10.38 -3.86 4.42
C TYR A 91 -11.46 -3.12 5.19
N GLY A 92 -12.15 -2.20 4.55
CA GLY A 92 -13.26 -1.48 5.18
C GLY A 92 -12.82 -0.77 6.47
N GLY A 93 -11.51 -0.56 6.60
CA GLY A 93 -10.93 0.09 7.76
C GLY A 93 -10.90 -0.80 8.99
N ASP A 94 -11.01 -2.11 8.79
CA ASP A 94 -11.06 -3.06 9.92
C ASP A 94 -9.76 -3.87 10.00
N MSE A 95 -9.02 -3.67 11.09
CA MSE A 95 -7.82 -4.48 11.33
C MSE A 95 -8.10 -5.99 11.31
O MSE A 95 -7.36 -6.75 10.71
CB MSE A 95 -7.15 -4.10 12.63
CG MSE A 95 -5.80 -4.82 12.89
SE MSE A 95 -4.47 -4.29 11.54
CE MSE A 95 -4.14 -2.47 12.24
N LYS A 96 -9.17 -6.42 11.97
CA LYS A 96 -9.52 -7.85 12.00
C LYS A 96 -9.72 -8.46 10.61
N SER A 97 -10.22 -7.66 9.67
CA SER A 97 -10.47 -8.12 8.32
C SER A 97 -9.15 -8.43 7.62
N LEU A 98 -8.18 -7.54 7.80
CA LEU A 98 -6.83 -7.75 7.25
C LEU A 98 -6.14 -8.97 7.92
N VAL A 99 -6.19 -9.01 9.24
CA VAL A 99 -5.53 -10.12 9.95
C VAL A 99 -6.15 -11.45 9.55
N LEU A 100 -7.49 -11.47 9.40
CA LEU A 100 -8.17 -12.69 9.00
C LEU A 100 -7.88 -13.11 7.59
N ASN A 101 -7.83 -12.14 6.68
CA ASN A 101 -7.48 -12.44 5.30
C ASN A 101 -6.11 -13.15 5.27
N PHE A 102 -5.21 -12.74 6.17
CA PHE A 102 -3.90 -13.35 6.28
C PHE A 102 -3.89 -14.76 6.83
N ALA A 103 -4.54 -14.99 7.97
CA ALA A 103 -4.68 -16.34 8.52
C ALA A 103 -5.26 -17.33 7.51
N LYS A 104 -6.37 -16.94 6.90
CA LYS A 104 -7.09 -17.80 5.98
C LYS A 104 -6.24 -18.17 4.79
N ASN A 105 -5.37 -17.27 4.35
CA ASN A 105 -4.44 -17.55 3.25
C ASN A 105 -3.11 -18.21 3.70
N GLU A 106 -3.09 -18.74 4.93
CA GLU A 106 -1.87 -19.32 5.52
C GLU A 106 -0.65 -18.38 5.50
N GLU A 107 -0.89 -17.07 5.64
CA GLU A 107 0.22 -16.10 5.68
C GLU A 107 0.71 -15.81 7.10
N LEU A 108 0.06 -16.46 8.07
CA LEU A 108 0.48 -16.39 9.46
C LEU A 108 0.50 -17.82 10.00
N ASN A 109 1.69 -18.34 10.27
CA ASN A 109 1.76 -19.70 10.83
C ASN A 109 1.22 -19.73 12.27
N ASN A 110 1.15 -20.92 12.83
CA ASN A 110 0.72 -21.12 14.20
C ASN A 110 1.46 -20.26 15.24
N LYS A 111 2.79 -20.31 15.26
CA LYS A 111 3.55 -19.50 16.22
C LYS A 111 3.34 -17.98 16.03
N GLU A 112 3.30 -17.53 14.78
CA GLU A 112 3.03 -16.10 14.51
C GLU A 112 1.67 -15.68 15.05
N ILE A 113 0.67 -16.54 14.91
CA ILE A 113 -0.66 -16.28 15.44
C ILE A 113 -0.69 -16.18 16.97
N GLU A 114 0.10 -17.04 17.61
CA GLU A 114 0.23 -17.02 19.05
C GLU A 114 1.02 -15.84 19.54
N GLU A 115 2.17 -15.54 18.90
CA GLU A 115 2.97 -14.38 19.24
C GLU A 115 2.10 -13.12 19.14
N LEU A 116 1.30 -13.03 18.08
CA LEU A 116 0.47 -11.85 17.89
C LEU A 116 -0.64 -11.80 18.94
N ARG A 117 -1.22 -12.96 19.23
CA ARG A 117 -2.22 -13.03 20.26
C ARG A 117 -1.63 -12.55 21.59
N ASP A 118 -0.45 -13.05 21.94
CA ASP A 118 0.27 -12.63 23.15
C ASP A 118 0.51 -11.12 23.19
N ILE A 119 0.95 -10.56 22.07
CA ILE A 119 1.16 -9.11 22.00
C ILE A 119 -0.15 -8.36 22.30
N LEU A 120 -1.24 -8.81 21.69
CA LEU A 120 -2.51 -8.12 21.88
C LEU A 120 -3.00 -8.24 23.30
N ASN A 121 -2.80 -9.40 23.89
CA ASN A 121 -3.09 -9.58 25.30
C ASN A 121 -2.29 -8.57 26.15
N ASP A 122 -1.00 -8.43 25.85
CA ASP A 122 -0.12 -7.52 26.58
C ASP A 122 -0.59 -6.05 26.56
N ILE A 123 -1.16 -5.58 25.46
CA ILE A 123 -1.61 -4.20 25.42
C ILE A 123 -3.12 -4.04 25.69
N SER A 124 -3.82 -5.16 25.95
CA SER A 124 -5.23 -5.14 26.34
C SER A 124 -5.38 -4.56 27.72
N LYS A 125 -6.54 -4.04 28.02
CA LYS A 125 -6.83 -3.63 29.39
C LYS A 125 -7.61 -4.69 30.17
N LYS A 126 -8.01 -5.77 29.49
CA LYS A 126 -8.79 -6.87 30.07
C LYS A 126 -8.75 -8.10 29.15
N GLN B 5 5.77 -7.68 -12.39
CA GLN B 5 4.85 -7.92 -11.23
C GLN B 5 3.59 -7.07 -11.34
N VAL B 6 2.42 -7.72 -11.25
CA VAL B 6 1.14 -7.00 -11.37
C VAL B 6 0.94 -6.23 -10.06
N GLU B 7 0.68 -4.92 -10.18
CA GLU B 7 0.45 -4.06 -9.03
C GLU B 7 -0.63 -3.04 -9.34
N ILE B 8 -1.40 -2.70 -8.31
CA ILE B 8 -2.46 -1.69 -8.41
C ILE B 8 -2.14 -0.66 -7.33
N SER B 9 -2.02 0.59 -7.73
CA SER B 9 -1.80 1.67 -6.82
C SER B 9 -3.13 1.95 -6.11
N MSE B 10 -3.06 2.72 -5.04
CA MSE B 10 -4.21 3.10 -4.27
C MSE B 10 -5.17 3.95 -5.16
O MSE B 10 -6.38 3.79 -5.09
CB MSE B 10 -3.75 3.88 -3.05
CG MSE B 10 -4.21 3.36 -1.69
SE MSE B 10 -4.48 1.42 -1.36
CE MSE B 10 -6.01 1.08 -2.25
N ALA B 11 -4.62 4.83 -6.00
CA ALA B 11 -5.47 5.62 -6.91
C ALA B 11 -6.18 4.68 -7.91
N GLU B 12 -5.47 3.70 -8.43
CA GLU B 12 -6.07 2.75 -9.34
C GLU B 12 -7.15 1.87 -8.64
N TRP B 13 -6.95 1.61 -7.36
CA TRP B 13 -7.85 0.78 -6.60
C TRP B 13 -9.27 1.39 -6.54
N ASP B 14 -9.37 2.72 -6.49
CA ASP B 14 -10.67 3.35 -6.54
C ASP B 14 -11.40 2.95 -7.80
N VAL B 15 -10.71 2.93 -8.94
CA VAL B 15 -11.34 2.49 -10.19
C VAL B 15 -11.77 0.99 -10.07
N MSE B 16 -10.86 0.15 -9.63
CA MSE B 16 -11.15 -1.27 -9.48
C MSE B 16 -12.36 -1.54 -8.59
O MSE B 16 -13.16 -2.40 -8.89
CB MSE B 16 -9.96 -2.05 -8.99
CG MSE B 16 -8.75 -2.01 -9.95
SE MSE B 16 -9.20 -2.54 -11.81
CE MSE B 16 -10.16 -4.26 -11.39
N ASN B 17 -12.51 -0.76 -7.53
CA ASN B 17 -13.68 -0.92 -6.68
C ASN B 17 -14.98 -0.78 -7.47
N ILE B 18 -15.00 0.12 -8.44
CA ILE B 18 -16.19 0.30 -9.27
C ILE B 18 -16.33 -0.82 -10.34
N ILE B 19 -15.22 -1.22 -10.95
CA ILE B 19 -15.30 -2.24 -11.97
C ILE B 19 -15.69 -3.56 -11.29
N TRP B 20 -15.16 -3.79 -10.09
CA TRP B 20 -15.49 -4.99 -9.36
C TRP B 20 -16.99 -4.99 -8.98
N ASP B 21 -17.53 -3.84 -8.59
CA ASP B 21 -18.96 -3.78 -8.20
C ASP B 21 -19.91 -3.91 -9.37
N LYS B 22 -19.70 -3.12 -10.41
CA LYS B 22 -20.62 -3.08 -11.57
C LYS B 22 -20.39 -4.20 -12.60
N LYS B 23 -19.20 -4.82 -12.56
CA LYS B 23 -18.79 -5.93 -13.43
C LYS B 23 -18.50 -5.54 -14.88
N SER B 24 -19.30 -4.64 -15.44
CA SER B 24 -19.03 -4.19 -16.79
C SER B 24 -19.51 -2.77 -16.82
N VAL B 25 -18.60 -1.83 -17.08
CA VAL B 25 -18.94 -0.41 -16.89
C VAL B 25 -18.22 0.59 -17.80
N SER B 26 -18.96 1.63 -18.19
CA SER B 26 -18.34 2.63 -19.04
C SER B 26 -17.37 3.49 -18.29
N ALA B 27 -16.40 4.05 -19.01
CA ALA B 27 -15.49 5.06 -18.48
C ALA B 27 -16.26 6.21 -17.87
N ASN B 28 -17.30 6.65 -18.59
CA ASN B 28 -18.06 7.79 -18.14
C ASN B 28 -18.69 7.48 -16.81
N GLU B 29 -19.19 6.26 -16.65
CA GLU B 29 -19.78 5.84 -15.38
C GLU B 29 -18.74 5.65 -14.27
N ILE B 30 -17.53 5.21 -14.62
CA ILE B 30 -16.46 5.15 -13.63
C ILE B 30 -16.17 6.57 -13.10
N VAL B 31 -16.07 7.50 -14.04
CA VAL B 31 -15.80 8.90 -13.71
C VAL B 31 -16.86 9.43 -12.76
N VAL B 32 -18.13 9.21 -13.12
CA VAL B 32 -19.26 9.65 -12.31
C VAL B 32 -19.16 9.13 -10.89
N GLU B 33 -18.84 7.85 -10.73
CA GLU B 33 -18.77 7.26 -9.39
C GLU B 33 -17.62 7.78 -8.53
N ILE B 34 -16.41 7.90 -9.09
CA ILE B 34 -15.26 8.38 -8.32
C ILE B 34 -15.39 9.88 -7.91
N GLN B 35 -15.96 10.66 -8.79
CA GLN B 35 -16.05 12.10 -8.53
C GLN B 35 -17.09 12.44 -7.46
N LYS B 36 -17.89 11.44 -7.09
CA LYS B 36 -18.81 11.62 -5.95
C LYS B 36 -18.00 11.82 -4.68
N TYR B 37 -16.79 11.27 -4.58
CA TYR B 37 -16.07 11.35 -3.30
C TYR B 37 -14.62 11.77 -3.39
N LYS B 38 -14.15 12.02 -4.61
CA LYS B 38 -12.80 12.51 -4.82
C LYS B 38 -12.80 13.67 -5.81
N GLU B 39 -11.86 14.61 -5.64
CA GLU B 39 -11.81 15.85 -6.40
C GLU B 39 -10.84 15.76 -7.61
N VAL B 40 -10.67 14.57 -8.17
CA VAL B 40 -9.82 14.36 -9.34
C VAL B 40 -10.63 14.63 -10.61
N SER B 41 -9.92 15.01 -11.65
CA SER B 41 -10.55 15.32 -12.93
C SER B 41 -10.86 14.04 -13.69
N ASP B 42 -11.74 14.18 -14.67
CA ASP B 42 -12.07 13.05 -15.55
C ASP B 42 -10.81 12.63 -16.33
N LYS B 43 -9.90 13.57 -16.60
CA LYS B 43 -8.67 13.25 -17.34
C LYS B 43 -7.79 12.31 -16.51
N THR B 44 -7.66 12.63 -15.21
CA THR B 44 -6.86 11.81 -14.28
C THR B 44 -7.47 10.39 -14.18
N ILE B 45 -8.79 10.32 -14.11
CA ILE B 45 -9.42 9.02 -14.03
C ILE B 45 -9.22 8.24 -15.33
N ARG B 46 -9.38 8.88 -16.50
CA ARG B 46 -9.09 8.15 -17.75
C ARG B 46 -7.65 7.60 -17.75
N THR B 47 -6.71 8.39 -17.26
CA THR B 47 -5.31 7.92 -17.17
C THR B 47 -5.20 6.64 -16.33
N LEU B 48 -5.88 6.61 -15.19
CA LEU B 48 -5.86 5.43 -14.34
C LEU B 48 -6.46 4.24 -15.09
N ILE B 49 -7.58 4.48 -15.77
CA ILE B 49 -8.24 3.42 -16.53
C ILE B 49 -7.30 2.92 -17.65
N THR B 50 -6.66 3.84 -18.38
CA THR B 50 -5.70 3.43 -19.42
C THR B 50 -4.52 2.62 -18.84
N ARG B 51 -3.98 3.05 -17.70
CA ARG B 51 -2.89 2.34 -17.04
C ARG B 51 -3.30 0.89 -16.66
N LEU B 52 -4.46 0.76 -16.02
CA LEU B 52 -5.01 -0.56 -15.64
C LEU B 52 -5.22 -1.42 -16.87
N TYR B 53 -5.70 -0.79 -17.93
CA TYR B 53 -5.94 -1.49 -19.18
C TYR B 53 -4.62 -2.03 -19.78
N LYS B 54 -3.60 -1.18 -19.86
CA LYS B 54 -2.28 -1.54 -20.33
C LYS B 54 -1.70 -2.70 -19.53
N LYS B 55 -1.80 -2.60 -18.21
CA LYS B 55 -1.27 -3.64 -17.31
C LYS B 55 -2.12 -4.88 -17.41
N GLU B 56 -3.16 -4.82 -18.26
CA GLU B 56 -4.10 -5.92 -18.45
C GLU B 56 -4.81 -6.44 -17.17
N ILE B 57 -5.03 -5.56 -16.22
CA ILE B 57 -5.83 -5.86 -15.03
C ILE B 57 -7.31 -5.78 -15.38
N ILE B 58 -7.60 -5.04 -16.45
CA ILE B 58 -8.95 -4.94 -16.96
C ILE B 58 -8.95 -5.16 -18.47
N LYS B 59 -10.13 -5.46 -19.00
CA LYS B 59 -10.33 -5.65 -20.44
C LYS B 59 -11.55 -4.81 -20.92
N ARG B 60 -11.75 -4.68 -22.23
CA ARG B 60 -12.79 -3.81 -22.75
C ARG B 60 -13.41 -4.27 -24.06
N TYR B 61 -14.60 -3.75 -24.32
CA TYR B 61 -15.19 -3.83 -25.64
C TYR B 61 -15.70 -2.43 -25.95
N LYS B 62 -16.05 -2.18 -27.21
CA LYS B 62 -16.46 -0.84 -27.59
C LYS B 62 -17.83 -0.86 -28.18
N SER B 63 -18.65 0.12 -27.82
CA SER B 63 -19.97 0.31 -28.37
C SER B 63 -20.27 1.79 -28.50
N GLU B 64 -20.87 2.16 -29.63
CA GLU B 64 -21.24 3.55 -29.84
C GLU B 64 -20.12 4.53 -29.41
N ASN B 65 -18.91 4.25 -29.87
CA ASN B 65 -17.71 5.05 -29.58
C ASN B 65 -17.33 5.24 -28.11
N ILE B 66 -17.79 4.35 -27.26
CA ILE B 66 -17.37 4.36 -25.88
C ILE B 66 -16.95 2.97 -25.45
N TYR B 67 -15.82 2.89 -24.74
CA TYR B 67 -15.34 1.59 -24.22
C TYR B 67 -16.03 1.20 -22.90
N PHE B 68 -16.31 -0.09 -22.73
CA PHE B 68 -16.96 -0.62 -21.53
C PHE B 68 -16.03 -1.63 -20.88
N TYR B 69 -15.65 -1.36 -19.63
CA TYR B 69 -14.57 -2.09 -18.91
C TYR B 69 -15.03 -3.16 -17.93
N SER B 70 -14.32 -4.27 -17.91
CA SER B 70 -14.53 -5.34 -16.94
C SER B 70 -13.19 -5.82 -16.39
N SER B 71 -13.26 -6.53 -15.29
CA SER B 71 -12.10 -7.03 -14.58
C SER B 71 -11.46 -8.22 -15.31
N ASN B 72 -10.13 -8.21 -15.34
CA ASN B 72 -9.35 -9.32 -15.84
C ASN B 72 -8.45 -9.83 -14.70
N ILE B 73 -8.95 -9.73 -13.46
CA ILE B 73 -8.17 -10.11 -12.30
C ILE B 73 -9.06 -10.55 -11.13
N LYS B 74 -8.62 -11.51 -10.33
CA LYS B 74 -9.39 -11.91 -9.15
C LYS B 74 -9.12 -10.97 -8.00
N GLU B 75 -10.14 -10.23 -7.57
CA GLU B 75 -10.01 -9.27 -6.46
C GLU B 75 -9.25 -9.83 -5.25
N ASP B 76 -9.65 -11.01 -4.81
CA ASP B 76 -9.09 -11.56 -3.60
C ASP B 76 -7.62 -11.86 -3.68
N ASP B 77 -7.17 -12.27 -4.86
CA ASP B 77 -5.77 -12.63 -5.07
C ASP B 77 -4.92 -11.39 -5.09
N ILE B 78 -5.35 -10.41 -5.87
CA ILE B 78 -4.57 -9.20 -5.97
C ILE B 78 -4.61 -8.40 -4.66
N LYS B 79 -5.74 -8.46 -3.97
CA LYS B 79 -5.83 -7.83 -2.65
C LYS B 79 -4.79 -8.40 -1.71
N MSE B 80 -4.68 -9.71 -1.68
CA MSE B 80 -3.73 -10.38 -0.80
C MSE B 80 -2.29 -10.07 -1.19
O MSE B 80 -1.44 -9.82 -0.34
CB MSE B 80 -4.00 -11.89 -0.79
CG MSE B 80 -3.09 -12.65 0.11
SE MSE B 80 -3.42 -12.17 2.01
CE MSE B 80 -1.74 -12.15 2.49
N LYS B 81 -2.02 -10.08 -2.50
CA LYS B 81 -0.68 -9.74 -2.96
C LYS B 81 -0.28 -8.29 -2.57
N THR B 82 -1.23 -7.37 -2.73
CA THR B 82 -1.02 -5.98 -2.41
C THR B 82 -0.81 -5.80 -0.91
N ALA B 83 -1.57 -6.53 -0.11
CA ALA B 83 -1.41 -6.49 1.34
C ALA B 83 -0.05 -6.98 1.81
N LYS B 84 0.46 -8.07 1.21
CA LYS B 84 1.77 -8.62 1.58
C LYS B 84 2.88 -7.62 1.25
N THR B 85 2.78 -7.02 0.06
CA THR B 85 3.71 -5.97 -0.36
C THR B 85 3.73 -4.83 0.64
N PHE B 86 2.54 -4.36 0.98
CA PHE B 86 2.36 -3.30 1.92
C PHE B 86 3.02 -3.66 3.27
N LEU B 87 2.72 -4.86 3.79
CA LEU B 87 3.31 -5.31 5.07
C LEU B 87 4.84 -5.39 4.96
N ASN B 88 5.32 -5.90 3.84
CA ASN B 88 6.76 -5.98 3.60
C ASN B 88 7.40 -4.60 3.61
N LYS B 89 6.86 -3.67 2.83
CA LYS B 89 7.50 -2.36 2.67
C LYS B 89 7.45 -1.45 3.89
N LEU B 90 6.30 -1.38 4.53
CA LEU B 90 6.13 -0.46 5.65
C LEU B 90 6.44 -1.09 6.98
N TYR B 91 6.27 -2.42 7.13
CA TYR B 91 6.37 -3.05 8.45
C TYR B 91 7.32 -4.23 8.51
N GLY B 92 8.24 -4.32 7.57
CA GLY B 92 9.26 -5.37 7.59
C GLY B 92 8.70 -6.78 7.51
N GLY B 93 7.49 -6.92 6.97
CA GLY B 93 6.89 -8.23 6.83
C GLY B 93 6.28 -8.76 8.12
N ASP B 94 6.17 -7.89 9.14
CA ASP B 94 5.82 -8.30 10.51
C ASP B 94 4.44 -7.75 10.89
N MSE B 95 3.43 -8.62 10.92
CA MSE B 95 2.07 -8.22 11.31
C MSE B 95 2.04 -7.59 12.69
O MSE B 95 1.23 -6.69 12.98
CB MSE B 95 1.12 -9.43 11.25
CG MSE B 95 -0.36 -9.11 11.45
SE MSE B 95 -1.09 -7.96 10.05
CE MSE B 95 -1.13 -9.36 8.66
N LYS B 96 2.93 -8.04 13.58
CA LYS B 96 2.93 -7.50 14.95
C LYS B 96 3.34 -6.03 14.94
N SER B 97 4.15 -5.65 13.95
CA SER B 97 4.62 -4.27 13.82
C SER B 97 3.49 -3.39 13.28
N LEU B 98 2.73 -3.89 12.32
CA LEU B 98 1.54 -3.15 11.86
C LEU B 98 0.60 -2.91 13.00
N VAL B 99 0.25 -3.97 13.70
CA VAL B 99 -0.67 -3.81 14.84
C VAL B 99 -0.16 -2.83 15.91
N LEU B 100 1.11 -2.93 16.31
CA LEU B 100 1.64 -2.05 17.36
C LEU B 100 1.73 -0.60 16.89
N ASN B 101 2.05 -0.39 15.62
CA ASN B 101 2.10 0.94 15.06
C ASN B 101 0.72 1.59 15.08
N PHE B 102 -0.33 0.79 14.84
CA PHE B 102 -1.70 1.32 14.89
C PHE B 102 -2.13 1.63 16.32
N ALA B 103 -1.81 0.72 17.23
CA ALA B 103 -2.18 0.90 18.62
C ALA B 103 -1.53 2.13 19.24
N LYS B 104 -0.23 2.32 19.02
CA LYS B 104 0.51 3.45 19.53
C LYS B 104 -0.03 4.80 18.98
N ASN B 105 -0.58 4.79 17.76
CA ASN B 105 -1.13 5.97 17.12
C ASN B 105 -2.62 6.13 17.37
N GLU B 106 -3.14 5.35 18.33
CA GLU B 106 -4.56 5.31 18.67
C GLU B 106 -5.47 5.06 17.50
N GLU B 107 -5.04 4.20 16.60
CA GLU B 107 -5.85 3.93 15.44
C GLU B 107 -6.50 2.58 15.61
N LEU B 108 -6.35 2.04 16.81
CA LEU B 108 -6.92 0.74 17.18
C LEU B 108 -7.28 0.89 18.63
N ASN B 109 -8.57 0.96 18.95
CA ASN B 109 -9.02 1.18 20.33
C ASN B 109 -9.01 -0.10 21.16
N ASN B 110 -9.18 0.05 22.48
CA ASN B 110 -9.15 -1.07 23.40
C ASN B 110 -10.15 -2.18 23.04
N LYS B 111 -11.30 -1.80 22.51
CA LYS B 111 -12.30 -2.80 22.14
C LYS B 111 -11.83 -3.65 20.96
N GLU B 112 -11.38 -2.99 19.89
CA GLU B 112 -10.79 -3.66 18.72
C GLU B 112 -9.59 -4.56 19.04
N ILE B 113 -8.81 -4.16 20.03
CA ILE B 113 -7.63 -4.93 20.44
C ILE B 113 -8.05 -6.22 21.13
N GLU B 114 -9.02 -6.10 22.04
CA GLU B 114 -9.53 -7.26 22.77
C GLU B 114 -10.21 -8.27 21.84
N GLU B 115 -11.08 -7.75 20.95
CA GLU B 115 -11.73 -8.57 19.94
C GLU B 115 -10.67 -9.30 19.12
N LEU B 116 -9.71 -8.56 18.56
CA LEU B 116 -8.68 -9.20 17.77
C LEU B 116 -7.93 -10.27 18.57
N ARG B 117 -7.60 -9.95 19.82
CA ARG B 117 -6.95 -10.94 20.66
C ARG B 117 -7.81 -12.23 20.67
N ASP B 118 -9.14 -12.08 20.79
CA ASP B 118 -10.06 -13.24 20.78
C ASP B 118 -10.07 -14.01 19.45
N ILE B 119 -10.10 -13.29 18.35
CA ILE B 119 -10.11 -13.90 17.03
C ILE B 119 -8.86 -14.82 16.91
N LEU B 120 -7.70 -14.28 17.24
CA LEU B 120 -6.44 -14.98 17.13
C LEU B 120 -6.33 -16.13 18.13
N ASN B 121 -6.80 -15.89 19.34
CA ASN B 121 -6.92 -16.96 20.31
C ASN B 121 -7.73 -18.13 19.72
N ASP B 122 -8.87 -17.81 19.12
CA ASP B 122 -9.79 -18.79 18.54
C ASP B 122 -9.13 -19.57 17.41
N ILE B 123 -8.47 -18.87 16.50
CA ILE B 123 -7.79 -19.45 15.34
C ILE B 123 -6.74 -20.48 15.73
N SER B 124 -6.13 -20.25 16.89
CA SER B 124 -4.98 -21.02 17.30
C SER B 124 -5.44 -22.12 18.23
N LYS B 125 -4.49 -22.62 19.01
CA LYS B 125 -4.76 -23.46 20.15
C LYS B 125 -5.09 -22.54 21.34
N LYS B 126 -4.11 -22.42 22.24
CA LYS B 126 -4.15 -21.63 23.47
C LYS B 126 -2.68 -21.36 23.87
S SO4 C . -8.43 7.64 3.62
O1 SO4 C . -9.18 8.89 3.58
O2 SO4 C . -9.32 6.48 3.48
O3 SO4 C . -7.67 7.55 4.88
O4 SO4 C . -7.53 7.66 2.46
S SO4 D . -6.15 15.90 -10.54
O1 SO4 D . -7.23 15.25 -11.26
O2 SO4 D . -6.61 16.43 -9.24
O3 SO4 D . -5.69 17.02 -11.38
O4 SO4 D . -5.08 14.92 -10.25
S SO4 E . -6.76 12.68 -22.43
O1 SO4 E . -7.74 13.73 -22.34
O2 SO4 E . -7.33 11.53 -21.71
O3 SO4 E . -5.49 13.11 -21.84
O4 SO4 E . -6.55 12.38 -23.84
S SO4 F . 7.23 -7.54 -2.30
O1 SO4 F . 8.45 -7.99 -3.01
O2 SO4 F . 6.31 -6.94 -3.28
O3 SO4 F . 7.55 -6.54 -1.30
O4 SO4 F . 6.60 -8.70 -1.67
#